data_4EWN
#
_entry.id   4EWN
#
_cell.length_a   57.654
_cell.length_b   112.517
_cell.length_c   163.402
_cell.angle_alpha   90.00
_cell.angle_beta   90.00
_cell.angle_gamma   90.00
#
_symmetry.space_group_name_H-M   'F 2 2 2'
#
loop_
_entity.id
_entity.type
_entity.pdbx_description
1 polymer 'Imidazole glycerol phosphate synthase subunit HisF'
2 non-polymer 1-(O-carboxy-phenylamino)-1-deoxy-D-ribulose-5-phosphate
3 water water
#
_entity_poly.entity_id   1
_entity_poly.type   'polypeptide(L)'
_entity_poly.pdbx_seq_one_letter_code
;MLAKRIIACLDVKDGRVVKGTNFENLRDSGDPVELGKFYSEIGIDELVFLDITASVEKRKTMLELVEKVAEQIDIPFTVG
GGIHDFETASELILRGADKVSINTAAVENPSLITQIAQTFGSQAVVVAIVAKRVDGEFMVFTYSGKKNTGILLRDWVVEV
EKRGAGEILLTSIDRVGTKSGYDTEMIRFVRPLTTLPIIASGGAGKMEHFLEAFLAGADAALAASVFHFREIDVRELKEY
LKKHGVNVRLEGL
;
_entity_poly.pdbx_strand_id   D
#
loop_
_chem_comp.id
_chem_comp.type
_chem_comp.name
_chem_comp.formula
0VR non-polymer 1-(O-carboxy-phenylamino)-1-deoxy-D-ribulose-5-phosphate 'C12 H18 N O9 P'
#
# COMPACT_ATOMS: atom_id res chain seq x y z
N LEU A 2 -17.15 -7.99 4.74
CA LEU A 2 -15.74 -8.23 4.44
C LEU A 2 -14.83 -7.51 5.43
N ALA A 3 -13.96 -8.27 6.10
CA ALA A 3 -13.11 -7.73 7.15
C ALA A 3 -12.11 -6.70 6.63
N LYS A 4 -11.97 -5.61 7.36
CA LYS A 4 -10.97 -4.59 7.05
C LYS A 4 -9.60 -5.17 7.34
N ARG A 5 -8.61 -4.76 6.55
CA ARG A 5 -7.26 -5.31 6.68
C ARG A 5 -6.27 -4.26 7.18
N ILE A 6 -5.32 -4.69 8.01
CA ILE A 6 -4.23 -3.83 8.44
C ILE A 6 -3.00 -4.23 7.64
N ILE A 7 -2.37 -3.26 7.00
CA ILE A 7 -1.26 -3.57 6.11
C ILE A 7 -0.01 -2.82 6.52
N ALA A 8 1.10 -3.53 6.61
CA ALA A 8 2.34 -2.88 7.00
C ALA A 8 3.17 -2.63 5.76
N CYS A 9 3.74 -1.45 5.68
CA CYS A 9 4.54 -1.07 4.53
C CYS A 9 6.01 -1.01 4.92
N LEU A 10 6.83 -1.80 4.26
CA LEU A 10 8.25 -1.87 4.56
C LEU A 10 9.03 -1.17 3.48
N ASP A 11 9.71 -0.06 3.82
CA ASP A 11 10.53 0.64 2.84
C ASP A 11 11.86 -0.08 2.69
N VAL A 12 12.23 -0.36 1.44
CA VAL A 12 13.38 -1.21 1.13
C VAL A 12 14.37 -0.52 0.19
N LYS A 13 15.66 -0.58 0.52
CA LYS A 13 16.73 -0.09 -0.36
C LYS A 13 17.82 -1.15 -0.50
N ASP A 14 18.13 -1.52 -1.73
CA ASP A 14 19.13 -2.55 -2.02
C ASP A 14 18.76 -3.85 -1.29
N GLY A 15 17.49 -4.19 -1.29
CA GLY A 15 17.00 -5.39 -0.64
C GLY A 15 17.17 -5.41 0.88
N ARG A 16 17.35 -4.25 1.49
CA ARG A 16 17.35 -4.15 2.96
C ARG A 16 16.38 -3.07 3.45
N VAL A 17 15.88 -3.25 4.67
CA VAL A 17 14.98 -2.26 5.28
C VAL A 17 15.78 -1.01 5.62
N VAL A 18 15.27 0.17 5.23
CA VAL A 18 15.96 1.44 5.51
C VAL A 18 15.76 1.83 6.98
N LYS A 19 16.71 1.44 7.83
CA LYS A 19 16.49 1.44 9.28
C LYS A 19 16.55 2.79 10.01
N GLY A 20 16.99 2.72 11.27
CA GLY A 20 16.62 3.66 12.30
C GLY A 20 15.59 2.87 13.09
N THR A 21 15.44 1.62 12.66
CA THR A 21 14.45 0.66 13.15
C THR A 21 14.54 0.45 14.66
N ASN A 22 15.71 0.06 15.12
CA ASN A 22 15.92 -0.37 16.52
C ASN A 22 14.86 -1.35 17.00
N PHE A 23 14.87 -2.54 16.41
CA PHE A 23 14.11 -3.68 16.94
C PHE A 23 15.10 -4.56 17.69
N GLU A 24 15.29 -4.30 18.98
CA GLU A 24 16.24 -5.06 19.80
C GLU A 24 15.84 -6.53 19.93
N ASN A 25 14.53 -6.78 19.97
CA ASN A 25 14.01 -8.14 19.98
C ASN A 25 14.41 -8.90 18.72
N LEU A 26 14.53 -8.17 17.61
CA LEU A 26 14.96 -8.72 16.34
C LEU A 26 16.47 -8.86 16.27
N ARG A 27 16.92 -9.90 15.57
CA ARG A 27 18.33 -10.11 15.36
C ARG A 27 18.91 -9.07 14.41
N ASP A 28 18.26 -8.93 13.24
CA ASP A 28 18.71 -8.01 12.20
C ASP A 28 17.53 -7.19 11.70
N SER A 29 17.43 -5.94 12.16
CA SER A 29 16.30 -5.08 11.86
C SER A 29 16.19 -4.71 10.37
N GLY A 30 17.26 -4.94 9.62
CA GLY A 30 17.29 -4.59 8.20
C GLY A 30 16.92 -5.73 7.27
N ASP A 31 16.87 -6.95 7.80
CA ASP A 31 16.44 -8.10 7.01
C ASP A 31 14.92 -8.08 6.82
N PRO A 32 14.48 -7.86 5.58
CA PRO A 32 13.05 -7.66 5.29
C PRO A 32 12.24 -8.93 5.50
N VAL A 33 12.88 -10.08 5.30
CA VAL A 33 12.24 -11.36 5.58
C VAL A 33 12.01 -11.56 7.09
N GLU A 34 13.02 -11.26 7.89
CA GLU A 34 12.90 -11.31 9.35
C GLU A 34 11.77 -10.37 9.80
N LEU A 35 11.84 -9.12 9.36
CA LEU A 35 10.87 -8.12 9.77
C LEU A 35 9.47 -8.47 9.28
N GLY A 36 9.36 -8.88 8.02
CA GLY A 36 8.08 -9.31 7.47
C GLY A 36 7.48 -10.52 8.16
N LYS A 37 8.32 -11.49 8.51
CA LYS A 37 7.84 -12.65 9.22
C LYS A 37 7.30 -12.26 10.59
N PHE A 38 8.01 -11.36 11.26
CA PHE A 38 7.59 -10.86 12.56
C PHE A 38 6.20 -10.22 12.48
N TYR A 39 6.01 -9.34 11.49
CA TYR A 39 4.74 -8.65 11.29
C TYR A 39 3.61 -9.64 11.04
N SER A 40 3.88 -10.62 10.17
CA SER A 40 2.97 -11.73 9.91
C SER A 40 2.51 -12.41 11.19
N GLU A 41 3.46 -12.69 12.07
CA GLU A 41 3.17 -13.40 13.30
C GLU A 41 2.38 -12.58 14.33
N ILE A 42 2.57 -11.27 14.35
CA ILE A 42 1.87 -10.43 15.34
C ILE A 42 0.48 -9.99 14.92
N GLY A 43 0.07 -10.35 13.69
CA GLY A 43 -1.29 -10.08 13.25
C GLY A 43 -1.48 -9.18 12.04
N ILE A 44 -0.40 -8.68 11.44
CA ILE A 44 -0.54 -7.86 10.22
C ILE A 44 -1.20 -8.72 9.13
N ASP A 45 -2.14 -8.15 8.38
CA ASP A 45 -2.88 -8.95 7.40
C ASP A 45 -2.18 -9.10 6.03
N GLU A 46 -1.41 -8.09 5.63
CA GLU A 46 -0.67 -8.10 4.35
C GLU A 46 0.57 -7.23 4.48
N LEU A 47 1.53 -7.44 3.60
CA LEU A 47 2.71 -6.57 3.59
C LEU A 47 2.83 -5.83 2.26
N VAL A 48 3.34 -4.61 2.31
CA VAL A 48 3.78 -3.98 1.08
C VAL A 48 5.28 -3.75 1.19
N PHE A 49 6.03 -4.28 0.23
CA PHE A 49 7.47 -4.00 0.17
C PHE A 49 7.70 -2.91 -0.87
N LEU A 50 8.14 -1.73 -0.42
CA LEU A 50 8.31 -0.61 -1.33
C LEU A 50 9.78 -0.27 -1.54
N ASP A 51 10.28 -0.43 -2.76
CA ASP A 51 11.63 0.05 -3.07
C ASP A 51 11.61 1.56 -3.27
N ILE A 52 12.23 2.30 -2.34
CA ILE A 52 12.22 3.75 -2.39
C ILE A 52 13.29 4.36 -3.30
N THR A 53 14.18 3.53 -3.84
CA THR A 53 15.18 4.00 -4.81
C THR A 53 14.71 3.85 -6.25
N LYS A 60 17.02 -6.04 -9.70
CA LYS A 60 17.38 -7.45 -9.51
C LYS A 60 17.34 -7.90 -8.05
N THR A 61 17.89 -7.09 -7.16
CA THR A 61 17.92 -7.40 -5.72
C THR A 61 16.51 -7.52 -5.16
N MET A 62 15.58 -6.86 -5.83
CA MET A 62 14.18 -6.97 -5.52
C MET A 62 13.66 -8.38 -5.81
N LEU A 63 14.14 -8.99 -6.88
CA LEU A 63 13.73 -10.33 -7.25
C LEU A 63 14.19 -11.36 -6.21
N GLU A 64 15.38 -11.17 -5.66
CA GLU A 64 15.87 -12.03 -4.59
C GLU A 64 15.03 -11.86 -3.32
N LEU A 65 14.65 -10.61 -3.03
CA LEU A 65 13.84 -10.34 -1.86
C LEU A 65 12.49 -11.04 -1.96
N VAL A 66 11.82 -10.87 -3.10
CA VAL A 66 10.55 -11.53 -3.37
C VAL A 66 10.66 -13.06 -3.21
N GLU A 67 11.76 -13.62 -3.68
CA GLU A 67 11.99 -15.05 -3.60
C GLU A 67 11.98 -15.53 -2.15
N LYS A 68 12.84 -14.94 -1.31
CA LYS A 68 12.89 -15.27 0.12
C LYS A 68 11.57 -14.98 0.85
N VAL A 69 10.96 -13.82 0.58
CA VAL A 69 9.70 -13.48 1.23
C VAL A 69 8.65 -14.54 0.92
N ALA A 70 8.53 -14.92 -0.35
CA ALA A 70 7.53 -15.89 -0.82
C ALA A 70 7.54 -17.24 -0.10
N GLU A 71 8.71 -17.74 0.27
CA GLU A 71 8.80 -19.05 0.89
C GLU A 71 8.92 -18.99 2.41
N GLN A 72 8.97 -17.77 2.96
CA GLN A 72 9.14 -17.62 4.40
C GLN A 72 7.87 -17.09 5.06
N ILE A 73 7.08 -16.36 4.27
CA ILE A 73 5.90 -15.67 4.76
C ILE A 73 4.63 -16.18 4.07
N ASP A 74 3.57 -16.40 4.86
CA ASP A 74 2.34 -17.00 4.33
C ASP A 74 1.13 -16.06 4.28
N ILE A 75 1.39 -14.75 4.33
CA ILE A 75 0.32 -13.78 4.13
C ILE A 75 0.59 -13.09 2.80
N PRO A 76 -0.46 -12.51 2.16
CA PRO A 76 -0.28 -11.77 0.91
C PRO A 76 0.80 -10.69 1.03
N PHE A 77 1.56 -10.46 -0.04
CA PHE A 77 2.45 -9.32 -0.08
C PHE A 77 2.46 -8.64 -1.47
N THR A 78 2.58 -7.32 -1.46
CA THR A 78 2.61 -6.52 -2.67
C THR A 78 4.03 -6.00 -2.82
N VAL A 79 4.53 -5.87 -4.03
CA VAL A 79 5.79 -5.16 -4.25
C VAL A 79 5.56 -3.92 -5.12
N GLY A 80 6.21 -2.81 -4.78
CA GLY A 80 6.05 -1.57 -5.51
C GLY A 80 7.35 -0.78 -5.53
N GLY A 81 7.34 0.35 -6.24
CA GLY A 81 8.52 1.21 -6.32
C GLY A 81 9.22 1.04 -7.66
N GLY A 82 8.96 1.97 -8.56
CA GLY A 82 9.61 1.95 -9.85
C GLY A 82 9.44 0.70 -10.72
N ILE A 83 8.23 0.15 -10.74
CA ILE A 83 7.90 -0.87 -11.73
C ILE A 83 7.44 -0.14 -12.99
N HIS A 84 8.26 -0.20 -14.04
CA HIS A 84 8.03 0.67 -15.21
C HIS A 84 7.44 -0.04 -16.41
N ASP A 85 7.32 -1.35 -16.34
CA ASP A 85 6.94 -2.11 -17.52
C ASP A 85 6.35 -3.48 -17.19
N PHE A 86 5.70 -4.07 -18.19
CA PHE A 86 5.07 -5.38 -18.05
C PHE A 86 6.10 -6.46 -17.69
N GLU A 87 7.24 -6.47 -18.36
CA GLU A 87 8.26 -7.48 -18.10
C GLU A 87 8.69 -7.50 -16.62
N THR A 88 8.80 -6.33 -16.00
CA THR A 88 9.23 -6.30 -14.60
C THR A 88 8.12 -6.82 -13.70
N ALA A 89 6.89 -6.42 -13.97
CA ALA A 89 5.75 -6.86 -13.16
C ALA A 89 5.61 -8.38 -13.29
N SER A 90 5.71 -8.87 -14.52
CA SER A 90 5.61 -10.28 -14.79
C SER A 90 6.62 -11.06 -13.97
N GLU A 91 7.86 -10.58 -13.93
CA GLU A 91 8.94 -11.31 -13.27
C GLU A 91 8.74 -11.31 -11.76
N LEU A 92 8.21 -10.20 -11.24
CA LEU A 92 7.98 -10.12 -9.83
C LEU A 92 6.90 -11.09 -9.38
N ILE A 93 5.83 -11.18 -10.18
CA ILE A 93 4.70 -12.02 -9.87
C ILE A 93 5.06 -13.50 -9.99
N LEU A 94 5.84 -13.84 -11.00
CA LEU A 94 6.26 -15.22 -11.20
C LEU A 94 7.19 -15.68 -10.09
N ARG A 95 7.96 -14.76 -9.52
CA ARG A 95 8.90 -15.16 -8.48
C ARG A 95 8.30 -15.15 -7.08
N GLY A 96 7.02 -14.80 -7.01
CA GLY A 96 6.24 -15.04 -5.81
C GLY A 96 5.46 -13.88 -5.22
N ALA A 97 5.54 -12.70 -5.83
CA ALA A 97 4.76 -11.56 -5.34
C ALA A 97 3.28 -11.80 -5.60
N ASP A 98 2.44 -11.52 -4.61
CA ASP A 98 1.00 -11.72 -4.82
C ASP A 98 0.44 -10.61 -5.69
N LYS A 99 0.99 -9.41 -5.52
CA LYS A 99 0.49 -8.23 -6.20
C LYS A 99 1.65 -7.32 -6.54
N VAL A 100 1.47 -6.52 -7.58
CA VAL A 100 2.42 -5.47 -7.88
C VAL A 100 1.64 -4.17 -7.84
N SER A 101 2.32 -3.13 -7.36
CA SER A 101 1.77 -1.79 -7.31
C SER A 101 2.47 -0.97 -8.41
N ILE A 102 1.69 -0.31 -9.24
CA ILE A 102 2.24 0.60 -10.24
C ILE A 102 1.56 1.97 -10.09
N ASN A 103 2.27 3.02 -10.48
CA ASN A 103 1.72 4.37 -10.39
C ASN A 103 2.08 5.17 -11.63
N THR A 104 3.28 5.76 -11.64
CA THR A 104 3.74 6.56 -12.78
C THR A 104 3.65 5.80 -14.11
N ALA A 105 3.99 4.53 -14.10
CA ALA A 105 3.91 3.72 -15.32
C ALA A 105 2.48 3.45 -15.74
N ALA A 106 1.54 3.43 -14.78
CA ALA A 106 0.12 3.31 -15.13
C ALA A 106 -0.44 4.59 -15.76
N VAL A 107 -0.07 5.75 -15.20
CA VAL A 107 -0.54 7.04 -15.73
C VAL A 107 -0.06 7.22 -17.18
N GLU A 108 1.21 6.90 -17.42
CA GLU A 108 1.80 7.10 -18.74
C GLU A 108 1.45 6.01 -19.76
N ASN A 109 1.07 4.83 -19.31
CA ASN A 109 0.52 3.80 -20.19
C ASN A 109 -0.54 2.97 -19.49
N PRO A 110 -1.79 3.48 -19.46
CA PRO A 110 -2.88 2.82 -18.71
C PRO A 110 -3.11 1.38 -19.18
N SER A 111 -2.74 1.07 -20.42
CA SER A 111 -2.80 -0.29 -20.93
C SER A 111 -1.97 -1.27 -20.11
N LEU A 112 -0.95 -0.77 -19.42
CA LEU A 112 -0.16 -1.63 -18.53
C LEU A 112 -1.04 -2.31 -17.48
N ILE A 113 -2.01 -1.56 -16.97
CA ILE A 113 -2.96 -2.10 -16.00
C ILE A 113 -3.64 -3.34 -16.55
N THR A 114 -4.20 -3.17 -17.75
CA THR A 114 -4.94 -4.23 -18.42
C THR A 114 -4.06 -5.42 -18.78
N GLN A 115 -2.82 -5.14 -19.17
CA GLN A 115 -1.89 -6.21 -19.57
C GLN A 115 -1.60 -7.12 -18.38
N ILE A 116 -1.37 -6.52 -17.21
CA ILE A 116 -1.10 -7.31 -16.01
C ILE A 116 -2.35 -8.07 -15.58
N ALA A 117 -3.50 -7.38 -15.55
CA ALA A 117 -4.75 -8.01 -15.13
C ALA A 117 -5.13 -9.19 -16.04
N GLN A 118 -4.97 -9.02 -17.36
CA GLN A 118 -5.30 -10.11 -18.29
C GLN A 118 -4.44 -11.35 -18.07
N THR A 119 -3.19 -11.13 -17.71
CA THR A 119 -2.21 -12.21 -17.62
C THR A 119 -2.21 -12.88 -16.25
N PHE A 120 -2.40 -12.09 -15.20
CA PHE A 120 -2.30 -12.62 -13.84
C PHE A 120 -3.56 -12.42 -13.02
N GLY A 121 -4.59 -11.82 -13.60
CA GLY A 121 -5.81 -11.49 -12.86
C GLY A 121 -5.80 -10.08 -12.29
N SER A 122 -6.96 -9.43 -12.31
CA SER A 122 -7.13 -8.11 -11.73
C SER A 122 -6.63 -8.04 -10.30
N GLN A 123 -6.80 -9.12 -9.55
CA GLN A 123 -6.42 -9.10 -8.13
C GLN A 123 -4.91 -9.02 -7.95
N ALA A 124 -4.17 -9.19 -9.05
CA ALA A 124 -2.72 -9.03 -9.02
C ALA A 124 -2.25 -7.58 -9.18
N VAL A 125 -3.12 -6.69 -9.64
CA VAL A 125 -2.67 -5.32 -9.85
C VAL A 125 -3.22 -4.32 -8.83
N VAL A 126 -2.31 -3.57 -8.25
CA VAL A 126 -2.67 -2.51 -7.34
C VAL A 126 -2.23 -1.22 -8.00
N VAL A 127 -3.17 -0.34 -8.26
CA VAL A 127 -2.75 0.97 -8.78
C VAL A 127 -2.67 1.94 -7.62
N ALA A 128 -1.47 2.47 -7.39
CA ALA A 128 -1.26 3.52 -6.40
C ALA A 128 -1.52 4.88 -7.03
N ILE A 129 -2.27 5.70 -6.31
CA ILE A 129 -2.59 7.04 -6.78
C ILE A 129 -2.15 8.04 -5.73
N VAL A 130 -1.34 9.01 -6.16
CA VAL A 130 -0.93 10.10 -5.30
C VAL A 130 -1.66 11.35 -5.78
N ALA A 131 -2.51 11.91 -4.93
CA ALA A 131 -3.26 13.10 -5.33
C ALA A 131 -2.98 14.24 -4.36
N LYS A 132 -3.05 15.47 -4.87
CA LYS A 132 -2.97 16.66 -4.04
C LYS A 132 -4.11 17.59 -4.42
N ARG A 133 -4.47 18.51 -3.51
CA ARG A 133 -5.45 19.54 -3.83
C ARG A 133 -4.80 20.68 -4.59
N VAL A 134 -5.33 20.98 -5.78
CA VAL A 134 -4.91 22.11 -6.59
C VAL A 134 -6.15 22.93 -6.93
N ASP A 135 -6.27 24.12 -6.35
CA ASP A 135 -7.41 24.99 -6.58
C ASP A 135 -8.74 24.29 -6.32
N GLY A 136 -8.84 23.56 -5.21
CA GLY A 136 -10.09 22.93 -4.82
C GLY A 136 -10.40 21.63 -5.54
N GLU A 137 -9.49 21.19 -6.40
CA GLU A 137 -9.67 19.95 -7.14
C GLU A 137 -8.55 18.97 -6.81
N PHE A 138 -8.90 17.70 -6.65
CA PHE A 138 -7.91 16.64 -6.44
C PHE A 138 -7.27 16.26 -7.77
N MET A 139 -5.95 16.41 -7.87
CA MET A 139 -5.24 16.18 -9.11
C MET A 139 -4.26 15.03 -8.92
N VAL A 140 -4.05 14.22 -9.95
CA VAL A 140 -3.11 13.11 -9.85
C VAL A 140 -1.68 13.60 -10.11
N PHE A 141 -0.77 13.25 -9.20
CA PHE A 141 0.66 13.52 -9.35
C PHE A 141 1.48 12.26 -9.57
N THR A 142 2.48 12.35 -10.44
CA THR A 142 3.38 11.25 -10.67
C THR A 142 4.80 11.64 -10.25
N TYR A 143 5.72 10.68 -10.33
CA TYR A 143 7.13 10.88 -9.97
C TYR A 143 7.27 11.30 -8.51
N SER A 144 6.66 10.50 -7.65
CA SER A 144 6.70 10.72 -6.20
C SER A 144 6.23 12.12 -5.83
N GLY A 145 5.17 12.57 -6.50
CA GLY A 145 4.54 13.85 -6.16
C GLY A 145 5.16 15.07 -6.82
N LYS A 146 6.07 14.85 -7.79
CA LYS A 146 6.77 15.97 -8.43
C LYS A 146 6.03 16.54 -9.64
N LYS A 147 5.21 15.72 -10.30
CA LYS A 147 4.60 16.14 -11.55
C LYS A 147 3.08 16.12 -11.51
N ASN A 148 2.48 17.27 -11.77
CA ASN A 148 1.03 17.36 -11.95
C ASN A 148 0.66 16.87 -13.35
N THR A 149 0.01 15.71 -13.41
CA THR A 149 -0.37 15.08 -14.66
C THR A 149 -1.44 15.90 -15.38
N GLY A 150 -2.15 16.71 -14.61
CA GLY A 150 -3.28 17.47 -15.14
C GLY A 150 -4.53 16.63 -15.09
N ILE A 151 -4.39 15.37 -14.66
CA ILE A 151 -5.53 14.46 -14.58
C ILE A 151 -6.27 14.62 -13.26
N LEU A 152 -7.59 14.74 -13.33
CA LEU A 152 -8.41 14.82 -12.13
C LEU A 152 -8.45 13.47 -11.44
N LEU A 153 -8.38 13.49 -10.10
CA LEU A 153 -8.50 12.27 -9.33
C LEU A 153 -9.78 11.54 -9.68
N ARG A 154 -10.88 12.29 -9.88
CA ARG A 154 -12.19 11.68 -10.14
C ARG A 154 -12.28 10.91 -11.46
N ASP A 155 -11.52 11.34 -12.47
CA ASP A 155 -11.49 10.61 -13.75
C ASP A 155 -10.53 9.41 -13.72
N TRP A 156 -9.38 9.59 -13.08
CA TRP A 156 -8.37 8.55 -13.05
C TRP A 156 -8.84 7.29 -12.31
N VAL A 157 -9.55 7.50 -11.21
CA VAL A 157 -10.13 6.40 -10.44
C VAL A 157 -11.08 5.57 -11.28
N VAL A 158 -11.87 6.24 -12.12
CA VAL A 158 -12.79 5.56 -13.03
C VAL A 158 -12.05 4.85 -14.16
N GLU A 159 -10.99 5.47 -14.69
CA GLU A 159 -10.21 4.87 -15.76
C GLU A 159 -9.52 3.61 -15.26
N VAL A 160 -8.93 3.74 -14.09
CA VAL A 160 -8.20 2.67 -13.42
C VAL A 160 -9.03 1.40 -13.23
N GLU A 161 -10.27 1.54 -12.76
CA GLU A 161 -11.14 0.38 -12.59
C GLU A 161 -11.50 -0.25 -13.93
N LYS A 162 -11.90 0.61 -14.87
CA LYS A 162 -12.22 0.21 -16.23
C LYS A 162 -11.09 -0.58 -16.90
N ARG A 163 -9.86 -0.13 -16.68
CA ARG A 163 -8.67 -0.78 -17.26
C ARG A 163 -8.40 -2.16 -16.65
N GLY A 164 -8.92 -2.41 -15.46
CA GLY A 164 -8.85 -3.73 -14.86
C GLY A 164 -8.09 -3.85 -13.54
N ALA A 165 -7.87 -2.73 -12.86
CA ALA A 165 -7.17 -2.78 -11.58
C ALA A 165 -7.96 -3.52 -10.51
N GLY A 166 -7.25 -4.18 -9.59
CA GLY A 166 -7.91 -4.96 -8.57
C GLY A 166 -8.08 -4.16 -7.31
N GLU A 167 -7.19 -3.19 -7.11
CA GLU A 167 -7.23 -2.32 -5.94
C GLU A 167 -6.63 -0.97 -6.22
N ILE A 168 -7.06 0.00 -5.42
CA ILE A 168 -6.47 1.32 -5.43
C ILE A 168 -5.76 1.58 -4.12
N LEU A 169 -4.45 1.85 -4.19
CA LEU A 169 -3.71 2.31 -3.02
C LEU A 169 -3.71 3.83 -3.04
N LEU A 170 -4.46 4.42 -2.12
CA LEU A 170 -4.76 5.83 -2.20
C LEU A 170 -3.85 6.60 -1.27
N THR A 171 -2.79 7.15 -1.84
CA THR A 171 -1.82 7.88 -1.06
C THR A 171 -2.12 9.38 -1.13
N SER A 172 -2.20 10.00 0.05
CA SER A 172 -2.27 11.45 0.15
C SER A 172 -0.91 11.90 0.63
N ILE A 173 -0.08 12.31 -0.33
CA ILE A 173 1.31 12.70 -0.08
C ILE A 173 1.49 13.75 1.02
N ASP A 174 0.53 14.66 1.16
CA ASP A 174 0.65 15.76 2.12
C ASP A 174 0.30 15.34 3.56
N ARG A 175 0.00 14.06 3.74
CA ARG A 175 -0.23 13.48 5.07
C ARG A 175 0.88 12.47 5.39
N VAL A 176 1.62 12.06 4.37
CA VAL A 176 2.54 10.94 4.49
C VAL A 176 3.65 11.26 5.47
N GLY A 177 3.81 10.41 6.49
CA GLY A 177 4.89 10.59 7.44
C GLY A 177 4.56 11.52 8.59
N THR A 178 3.49 12.28 8.43
CA THR A 178 3.12 13.32 9.41
C THR A 178 2.54 12.78 10.72
N LYS A 179 2.01 11.56 10.70
CA LYS A 179 1.33 10.98 11.88
C LYS A 179 0.10 11.80 12.31
N SER A 180 -0.48 12.56 11.39
CA SER A 180 -1.57 13.48 11.74
C SER A 180 -2.95 12.90 11.43
N GLY A 181 -2.96 11.69 10.86
CA GLY A 181 -4.19 11.02 10.48
C GLY A 181 -4.21 10.79 8.98
N TYR A 182 -5.03 9.86 8.52
CA TYR A 182 -5.20 9.65 7.09
C TYR A 182 -5.96 10.84 6.53
N ASP A 183 -5.85 11.06 5.22
CA ASP A 183 -6.62 12.10 4.56
C ASP A 183 -8.02 11.54 4.33
N THR A 184 -8.88 11.61 5.34
CA THR A 184 -10.22 10.99 5.26
C THR A 184 -11.16 11.72 4.30
N GLU A 185 -10.93 13.01 4.10
CA GLU A 185 -11.72 13.71 3.11
C GLU A 185 -11.47 13.12 1.71
N MET A 186 -10.22 12.80 1.40
CA MET A 186 -9.93 12.20 0.10
C MET A 186 -10.49 10.79 -0.03
N ILE A 187 -10.48 10.04 1.07
CA ILE A 187 -11.05 8.70 1.03
C ILE A 187 -12.54 8.75 0.72
N ARG A 188 -13.24 9.69 1.37
CA ARG A 188 -14.66 9.90 1.14
C ARG A 188 -14.93 10.34 -0.28
N PHE A 189 -14.03 11.14 -0.83
CA PHE A 189 -14.22 11.63 -2.20
C PHE A 189 -14.15 10.46 -3.18
N VAL A 190 -13.25 9.52 -2.92
CA VAL A 190 -13.03 8.42 -3.83
C VAL A 190 -14.05 7.30 -3.65
N ARG A 191 -14.54 7.11 -2.42
CA ARG A 191 -15.38 5.97 -2.09
C ARG A 191 -16.55 5.70 -3.07
N PRO A 192 -17.35 6.73 -3.40
CA PRO A 192 -18.49 6.46 -4.28
C PRO A 192 -18.12 6.40 -5.78
N LEU A 193 -16.87 6.68 -6.10
CA LEU A 193 -16.43 6.69 -7.50
C LEU A 193 -16.00 5.31 -8.01
N THR A 194 -15.70 4.42 -7.07
CA THR A 194 -15.16 3.09 -7.40
C THR A 194 -15.78 1.99 -6.54
N THR A 195 -15.77 0.78 -7.07
CA THR A 195 -16.27 -0.39 -6.36
C THR A 195 -15.10 -1.19 -5.82
N LEU A 196 -13.89 -0.84 -6.27
CA LEU A 196 -12.66 -1.53 -5.89
C LEU A 196 -12.33 -1.34 -4.41
N PRO A 197 -11.57 -2.27 -3.83
CA PRO A 197 -11.06 -2.05 -2.47
C PRO A 197 -10.11 -0.86 -2.44
N ILE A 198 -10.27 0.03 -1.46
CA ILE A 198 -9.41 1.19 -1.30
C ILE A 198 -8.48 0.99 -0.12
N ILE A 199 -7.19 1.16 -0.35
CA ILE A 199 -6.20 1.07 0.70
C ILE A 199 -5.79 2.50 1.10
N ALA A 200 -6.11 2.89 2.33
CA ALA A 200 -5.70 4.18 2.83
C ALA A 200 -4.21 4.16 3.16
N SER A 201 -3.51 5.19 2.72
CA SER A 201 -2.06 5.25 2.87
C SER A 201 -1.52 6.64 3.18
N GLY A 202 -0.72 6.74 4.23
CA GLY A 202 -0.06 7.97 4.57
C GLY A 202 -0.73 8.69 5.72
N GLY A 203 -0.01 8.87 6.80
CA GLY A 203 -0.52 9.68 7.87
C GLY A 203 -0.80 9.00 9.20
N ALA A 204 -1.01 7.68 9.20
CA ALA A 204 -1.42 7.00 10.44
C ALA A 204 -0.48 7.33 11.59
N GLY A 205 -1.07 7.67 12.73
CA GLY A 205 -0.29 8.11 13.87
C GLY A 205 -0.78 7.45 15.15
N LYS A 206 -2.07 7.14 15.21
CA LYS A 206 -2.62 6.48 16.41
C LYS A 206 -3.80 5.60 16.08
N MET A 207 -4.25 4.78 17.02
CA MET A 207 -5.25 3.76 16.70
C MET A 207 -6.53 4.42 16.19
N GLU A 208 -6.86 5.58 16.74
CA GLU A 208 -8.07 6.29 16.34
C GLU A 208 -8.03 6.67 14.87
N HIS A 209 -6.83 6.89 14.33
CA HIS A 209 -6.72 7.19 12.89
C HIS A 209 -7.15 6.05 12.01
N PHE A 210 -6.95 4.81 12.47
CA PHE A 210 -7.36 3.66 11.65
C PHE A 210 -8.87 3.59 11.60
N LEU A 211 -9.51 3.86 12.73
CA LEU A 211 -10.97 3.83 12.83
C LEU A 211 -11.55 4.81 11.82
N GLU A 212 -11.04 6.03 11.88
CA GLU A 212 -11.48 7.09 11.00
C GLU A 212 -11.35 6.74 9.52
N ALA A 213 -10.23 6.14 9.15
CA ALA A 213 -10.06 5.70 7.76
C ALA A 213 -11.11 4.64 7.37
N PHE A 214 -11.36 3.67 8.23
CA PHE A 214 -12.39 2.67 7.93
C PHE A 214 -13.79 3.28 7.85
N LEU A 215 -14.11 4.18 8.79
CA LEU A 215 -15.38 4.90 8.71
C LEU A 215 -15.54 5.72 7.42
N ALA A 216 -14.43 6.29 6.91
CA ALA A 216 -14.47 7.04 5.65
C ALA A 216 -14.67 6.10 4.46
N GLY A 217 -14.58 4.80 4.69
CA GLY A 217 -14.84 3.83 3.63
C GLY A 217 -13.63 3.11 3.06
N ALA A 218 -12.48 3.20 3.71
CA ALA A 218 -11.34 2.43 3.23
C ALA A 218 -11.59 0.95 3.53
N ASP A 219 -10.99 0.08 2.72
CA ASP A 219 -11.11 -1.36 2.97
C ASP A 219 -9.87 -1.90 3.66
N ALA A 220 -8.78 -1.15 3.55
CA ALA A 220 -7.55 -1.51 4.22
C ALA A 220 -6.87 -0.22 4.62
N ALA A 221 -6.06 -0.30 5.64
CA ALA A 221 -5.25 0.84 6.06
C ALA A 221 -3.82 0.39 6.11
N LEU A 222 -3.00 1.09 5.32
CA LEU A 222 -1.58 0.82 5.24
C LEU A 222 -0.86 1.81 6.14
N ALA A 223 0.16 1.35 6.84
CA ALA A 223 1.00 2.26 7.58
C ALA A 223 2.45 1.79 7.58
N ALA A 224 3.37 2.75 7.68
CA ALA A 224 4.79 2.45 7.82
C ALA A 224 5.33 2.98 9.14
N SER A 225 5.25 4.30 9.34
CA SER A 225 5.80 4.97 10.54
C SER A 225 5.47 4.30 11.88
N VAL A 226 4.18 4.06 12.14
CA VAL A 226 3.76 3.55 13.45
C VAL A 226 4.11 2.09 13.71
N PHE A 227 4.53 1.39 12.66
CA PHE A 227 4.99 0.01 12.79
C PHE A 227 6.51 -0.01 12.79
N HIS A 228 7.12 0.92 12.05
CA HIS A 228 8.57 1.08 12.04
C HIS A 228 9.08 1.65 13.37
N PHE A 229 8.44 2.74 13.81
CA PHE A 229 8.77 3.37 15.07
C PHE A 229 8.09 2.66 16.27
N ARG A 230 7.53 1.47 16.01
CA ARG A 230 6.97 0.58 17.04
C ARG A 230 5.95 1.24 17.98
N GLU A 231 5.20 2.21 17.46
CA GLU A 231 4.31 3.03 18.27
C GLU A 231 2.97 2.35 18.58
N ILE A 232 2.52 1.50 17.66
CA ILE A 232 1.22 0.85 17.82
C ILE A 232 1.34 -0.68 17.89
N ASP A 233 0.77 -1.28 18.93
CA ASP A 233 0.68 -2.73 19.03
C ASP A 233 -0.42 -3.22 18.09
N VAL A 234 -0.07 -4.10 17.14
CA VAL A 234 -1.02 -4.56 16.12
C VAL A 234 -2.25 -5.25 16.73
N ARG A 235 -2.02 -6.11 17.71
CA ARG A 235 -3.09 -6.81 18.42
C ARG A 235 -4.02 -5.84 19.17
N GLU A 236 -3.41 -4.85 19.83
CA GLU A 236 -4.17 -3.79 20.51
C GLU A 236 -5.01 -3.02 19.51
N LEU A 237 -4.44 -2.75 18.34
CA LEU A 237 -5.12 -2.01 17.31
C LEU A 237 -6.36 -2.79 16.85
N LYS A 238 -6.18 -4.07 16.57
CA LYS A 238 -7.29 -4.91 16.15
C LYS A 238 -8.41 -5.00 17.21
N GLU A 239 -8.04 -5.14 18.47
CA GLU A 239 -9.00 -5.17 19.56
C GLU A 239 -9.76 -3.85 19.68
N TYR A 240 -9.03 -2.75 19.52
CA TYR A 240 -9.62 -1.41 19.51
C TYR A 240 -10.64 -1.23 18.37
N LEU A 241 -10.27 -1.56 17.13
CA LEU A 241 -11.19 -1.47 16.00
C LEU A 241 -12.45 -2.33 16.23
N LYS A 242 -12.25 -3.54 16.74
CA LYS A 242 -13.35 -4.46 17.02
C LYS A 242 -14.28 -3.88 18.08
N LYS A 243 -13.70 -3.43 19.18
CA LYS A 243 -14.44 -2.71 20.23
C LYS A 243 -15.31 -1.57 19.65
N HIS A 244 -14.80 -0.91 18.62
CA HIS A 244 -15.50 0.21 17.98
C HIS A 244 -16.21 -0.15 16.68
N GLY A 245 -16.64 -1.41 16.57
CA GLY A 245 -17.56 -1.82 15.53
C GLY A 245 -16.96 -1.96 14.16
N VAL A 246 -15.64 -2.14 14.08
CA VAL A 246 -15.01 -2.41 12.78
C VAL A 246 -14.73 -3.91 12.65
N ASN A 247 -15.11 -4.50 11.50
CA ASN A 247 -14.86 -5.92 11.30
C ASN A 247 -13.40 -6.17 10.87
N VAL A 248 -12.61 -6.73 11.78
CA VAL A 248 -11.25 -7.19 11.47
C VAL A 248 -11.16 -8.69 11.74
N ARG A 249 -10.01 -9.30 11.43
CA ARG A 249 -9.84 -10.72 11.77
C ARG A 249 -8.86 -10.93 12.92
N LEU A 250 -9.25 -11.77 13.87
CA LEU A 250 -8.39 -12.15 14.97
C LEU A 250 -8.30 -13.68 15.06
P 0VR B . 3.20 6.55 6.81
O1P 0VR B . 4.59 6.50 7.41
O2P 0VR B . 2.57 7.92 7.02
O3P 0VR B . 2.42 5.48 7.53
O5' 0VR B . 3.23 6.33 5.24
C5' 0VR B . 2.79 5.13 4.67
C4' 0VR B . 2.94 5.19 3.15
O4' 0VR B . 2.06 6.12 2.65
C3' 0VR B . 4.37 5.47 2.71
O3' 0VR B . 5.19 4.59 3.38
C2' 0VR B . 4.64 5.28 1.22
O2' 0VR B . 3.49 5.20 0.47
C1' 0VR B . 5.45 6.40 0.65
NH 0VR B . 5.35 6.37 -0.82
C1 0VR B . 4.98 7.44 -2.80
C2 0VR B . 5.05 7.57 -1.59
C3 0VR B . 4.88 8.66 -0.78
C4 0VR B . 4.56 9.93 -1.68
C5 0VR B . 4.51 9.57 -3.22
C6 0VR B . 4.74 8.30 -3.59
C7 0VR B . 5.20 6.09 -3.43
O71 0VR B . 4.52 5.18 -2.90
O72 0VR B . 6.03 6.15 -4.39
#